data_9KFY
#
_entry.id   9KFY
#
_cell.length_a   83.290
_cell.length_b   94.540
_cell.length_c   101.560
_cell.angle_alpha   90.00
_cell.angle_beta   90.00
_cell.angle_gamma   90.00
#
_symmetry.space_group_name_H-M   'P 21 21 21'
#
loop_
_entity.id
_entity.type
_entity.pdbx_description
1 polymer 'Synthetic PPR-DYW protein'
2 non-polymer GLYCEROL
3 non-polymer 'ZINC ION'
4 water water
#
_entity_poly.entity_id   1
_entity_poly.type   'polypeptide(L)'
_entity_poly.pdbx_seq_one_letter_code
;NSVFSWNSKIRGYARNGQPEEALSLYSQMRRSGIKPDNYTFPFVLKACASLSSLKEGKQIHGHVIKSGFESDVYVQSALI
DMYAKCGELEDARKVFDEMPERNVVSWNAMISGYAQNGQSEEALELFREMQQEGIKPSEFTFCSVLSACASLGSLEMGKQ
IHGYVIKSGFESIVFVGNALIDMYAKCGSIEDARKVFDEMPERTVVSWTAMISGYAQNGQSEEALELFREMQREGVKPDE
VTLPSVLSACANLGALEQGKQIHAYVIKSGFESDVFVGSALIDMYAKCGSIEDARKVFDKMPERDVVSWNAMIAAYAQHG
HGKEALQLFQQMQQEGVKPSEVTFTSILSACSHAGLVDEGHHYFESMSPDYGITPRVEHYGCMVDLLGRAGRLDEAEDLI
KSMPFQPNVVVWGTLLGACRVHGDVERGERAAERILELDPESAAPYVLLSNIYAAAGRWDEAAKVRKLMKERGVKKEPGC
SWIEVNNKVHEFVAGDKSHPQTKEIYAELERLSKQMKEAGYVPDTKFVLHDVEEEEKEQLLCYHSEKLAIAFGLISTPPG
TPLRIIKNLRVCGDCHTATKFISKIVGREIVVRDANRFHHFKDGVCSCGDYW
;
_entity_poly.pdbx_strand_id   A
#
loop_
_chem_comp.id
_chem_comp.type
_chem_comp.name
_chem_comp.formula
GOL non-polymer GLYCEROL 'C3 H8 O3'
ZN non-polymer 'ZINC ION' 'Zn 2'
#
# COMPACT_ATOMS: atom_id res chain seq x y z
N ASN A 1 -37.12 -18.09 -42.39
CA ASN A 1 -36.70 -17.58 -41.10
C ASN A 1 -36.55 -16.06 -41.14
N SER A 2 -36.12 -15.45 -40.04
CA SER A 2 -35.97 -14.01 -39.96
C SER A 2 -34.93 -13.67 -38.90
N VAL A 3 -34.50 -12.40 -38.90
CA VAL A 3 -33.47 -11.96 -37.98
C VAL A 3 -33.91 -12.11 -36.52
N PHE A 4 -35.22 -12.18 -36.26
CA PHE A 4 -35.69 -12.30 -34.88
C PHE A 4 -35.34 -13.64 -34.26
N SER A 5 -35.31 -14.72 -35.05
CA SER A 5 -34.85 -15.99 -34.51
C SER A 5 -33.36 -15.93 -34.18
N TRP A 6 -32.56 -15.48 -35.13
CA TRP A 6 -31.11 -15.38 -34.90
C TRP A 6 -30.81 -14.53 -33.69
N ASN A 7 -31.43 -13.34 -33.61
CA ASN A 7 -31.24 -12.44 -32.47
C ASN A 7 -31.53 -13.14 -31.15
N SER A 8 -32.57 -13.98 -31.12
CA SER A 8 -32.90 -14.70 -29.90
C SER A 8 -31.79 -15.66 -29.49
N LYS A 9 -31.22 -16.39 -30.45
CA LYS A 9 -30.15 -17.33 -30.13
C LYS A 9 -28.86 -16.61 -29.80
N ILE A 10 -28.57 -15.51 -30.51
CA ILE A 10 -27.37 -14.72 -30.20
C ILE A 10 -27.50 -14.09 -28.83
N ARG A 11 -28.68 -13.56 -28.51
CA ARG A 11 -28.91 -13.03 -27.17
C ARG A 11 -28.67 -14.10 -26.12
N GLY A 12 -29.15 -15.32 -26.36
CA GLY A 12 -28.97 -16.39 -25.39
C GLY A 12 -27.50 -16.66 -25.11
N TYR A 13 -26.73 -16.89 -26.16
CA TYR A 13 -25.31 -17.18 -26.01
C TYR A 13 -24.58 -16.01 -25.34
N ALA A 14 -24.85 -14.79 -25.81
CA ALA A 14 -24.09 -13.63 -25.34
C ALA A 14 -24.31 -13.34 -23.87
N ARG A 15 -25.47 -13.69 -23.34
CA ARG A 15 -25.79 -13.41 -21.94
C ARG A 15 -25.51 -14.60 -21.02
N ASN A 16 -25.10 -15.74 -21.58
CA ASN A 16 -24.74 -16.91 -20.81
C ASN A 16 -23.23 -17.15 -20.81
N GLY A 17 -22.44 -16.10 -21.04
CA GLY A 17 -21.00 -16.24 -21.02
C GLY A 17 -20.43 -17.07 -22.15
N GLN A 18 -21.04 -17.01 -23.33
CA GLN A 18 -20.54 -17.74 -24.51
C GLN A 18 -20.36 -16.76 -25.68
N PRO A 19 -19.44 -15.79 -25.54
CA PRO A 19 -19.29 -14.79 -26.60
C PRO A 19 -18.89 -15.37 -27.94
N GLU A 20 -18.04 -16.40 -27.95
CA GLU A 20 -17.57 -16.97 -29.20
C GLU A 20 -18.72 -17.63 -29.96
N GLU A 21 -19.65 -18.25 -29.23
CA GLU A 21 -20.81 -18.85 -29.87
C GLU A 21 -21.72 -17.79 -30.48
N ALA A 22 -21.89 -16.67 -29.79
CA ALA A 22 -22.64 -15.55 -30.35
C ALA A 22 -22.00 -15.06 -31.64
N LEU A 23 -20.68 -14.88 -31.64
CA LEU A 23 -20.00 -14.40 -32.84
C LEU A 23 -20.02 -15.45 -33.94
N SER A 24 -19.86 -16.73 -33.58
CA SER A 24 -19.99 -17.79 -34.58
C SER A 24 -21.38 -17.78 -35.21
N LEU A 25 -22.42 -17.54 -34.40
CA LEU A 25 -23.77 -17.38 -34.91
C LEU A 25 -23.86 -16.19 -35.86
N TYR A 26 -23.25 -15.06 -35.47
CA TYR A 26 -23.30 -13.87 -36.30
C TYR A 26 -22.70 -14.13 -37.68
N SER A 27 -21.60 -14.88 -37.73
CA SER A 27 -21.00 -15.22 -39.02
C SER A 27 -21.94 -16.07 -39.86
N GLN A 28 -22.60 -17.06 -39.23
CA GLN A 28 -23.53 -17.91 -39.98
C GLN A 28 -24.67 -17.11 -40.56
N MET A 29 -25.22 -16.18 -39.77
CA MET A 29 -26.29 -15.32 -40.25
C MET A 29 -25.85 -14.54 -41.49
N ARG A 30 -24.59 -14.09 -41.50
CA ARG A 30 -24.08 -13.33 -42.63
C ARG A 30 -24.08 -14.15 -43.91
N ARG A 31 -23.60 -15.40 -43.83
CA ARG A 31 -23.60 -16.27 -45.00
C ARG A 31 -25.01 -16.58 -45.46
N SER A 32 -25.93 -16.78 -44.52
CA SER A 32 -27.29 -17.18 -44.86
C SER A 32 -28.10 -16.09 -45.54
N GLY A 33 -27.59 -14.87 -45.62
CA GLY A 33 -28.30 -13.79 -46.27
C GLY A 33 -29.32 -13.06 -45.43
N ILE A 34 -29.37 -13.33 -44.12
CA ILE A 34 -30.28 -12.61 -43.23
C ILE A 34 -29.49 -11.46 -42.62
N LYS A 35 -30.01 -10.24 -42.79
CA LYS A 35 -29.27 -9.05 -42.38
C LYS A 35 -29.53 -8.74 -40.91
N PRO A 36 -28.52 -8.28 -40.18
CA PRO A 36 -28.74 -7.87 -38.78
C PRO A 36 -29.54 -6.58 -38.70
N ASP A 37 -30.18 -6.37 -37.55
CA ASP A 37 -30.86 -5.12 -37.28
C ASP A 37 -30.17 -4.43 -36.10
N ASN A 38 -30.79 -3.37 -35.59
CA ASN A 38 -30.17 -2.60 -34.50
C ASN A 38 -30.16 -3.35 -33.18
N TYR A 39 -30.81 -4.51 -33.10
CA TYR A 39 -30.80 -5.35 -31.90
C TYR A 39 -29.68 -6.38 -31.93
N THR A 40 -29.27 -6.82 -33.11
CA THR A 40 -28.17 -7.77 -33.22
C THR A 40 -26.84 -7.14 -32.78
N PHE A 41 -26.55 -5.93 -33.27
CA PHE A 41 -25.22 -5.35 -33.11
C PHE A 41 -24.78 -5.17 -31.66
N PRO A 42 -25.61 -4.68 -30.73
CA PRO A 42 -25.13 -4.55 -29.34
C PRO A 42 -24.70 -5.86 -28.73
N PHE A 43 -25.38 -6.96 -29.03
CA PHE A 43 -25.01 -8.25 -28.44
C PHE A 43 -23.69 -8.75 -29.01
N VAL A 44 -23.50 -8.61 -30.31
CA VAL A 44 -22.27 -9.08 -30.92
C VAL A 44 -21.08 -8.18 -30.53
N LEU A 45 -21.32 -6.87 -30.39
CA LEU A 45 -20.27 -5.98 -29.91
C LEU A 45 -19.94 -6.24 -28.44
N LYS A 46 -20.96 -6.52 -27.63
CA LYS A 46 -20.70 -6.90 -26.24
C LYS A 46 -19.90 -8.20 -26.16
N ALA A 47 -20.16 -9.14 -27.09
CA ALA A 47 -19.35 -10.35 -27.16
C ALA A 47 -17.90 -10.02 -27.50
N CYS A 48 -17.68 -9.07 -28.40
CA CYS A 48 -16.32 -8.63 -28.73
C CYS A 48 -15.63 -8.05 -27.50
N ALA A 49 -16.32 -7.18 -26.77
CA ALA A 49 -15.75 -6.58 -25.57
C ALA A 49 -15.42 -7.63 -24.50
N SER A 50 -16.22 -8.69 -24.42
CA SER A 50 -15.98 -9.73 -23.43
C SER A 50 -14.67 -10.47 -23.71
N LEU A 51 -14.31 -10.63 -24.99
CA LEU A 51 -13.09 -11.31 -25.39
C LEU A 51 -11.91 -10.38 -25.56
N SER A 52 -12.10 -9.07 -25.45
CA SER A 52 -11.08 -8.06 -25.75
C SER A 52 -10.47 -8.31 -27.13
N SER A 53 -11.35 -8.31 -28.13
CA SER A 53 -10.97 -8.62 -29.51
C SER A 53 -11.29 -7.40 -30.38
N LEU A 54 -10.34 -6.49 -30.48
CA LEU A 54 -10.53 -5.27 -31.27
C LEU A 54 -10.73 -5.59 -32.75
N LYS A 55 -10.11 -6.66 -33.25
CA LYS A 55 -10.16 -6.96 -34.68
C LYS A 55 -11.59 -7.26 -35.13
N GLU A 56 -12.25 -8.21 -34.46
CA GLU A 56 -13.65 -8.49 -34.78
C GLU A 56 -14.53 -7.28 -34.50
N GLY A 57 -14.30 -6.60 -33.37
CA GLY A 57 -15.05 -5.39 -33.08
C GLY A 57 -14.95 -4.35 -34.18
N LYS A 58 -13.76 -4.21 -34.78
CA LYS A 58 -13.60 -3.26 -35.87
C LYS A 58 -14.32 -3.73 -37.13
N GLN A 59 -14.32 -5.05 -37.38
CA GLN A 59 -15.09 -5.57 -38.51
C GLN A 59 -16.58 -5.28 -38.35
N ILE A 60 -17.11 -5.47 -37.14
CA ILE A 60 -18.53 -5.23 -36.90
C ILE A 60 -18.85 -3.74 -37.05
N HIS A 61 -17.94 -2.87 -36.61
CA HIS A 61 -18.08 -1.45 -36.89
C HIS A 61 -18.25 -1.20 -38.39
N GLY A 62 -17.47 -1.91 -39.21
CA GLY A 62 -17.64 -1.80 -40.64
C GLY A 62 -19.02 -2.22 -41.12
N HIS A 63 -19.57 -3.27 -40.52
CA HIS A 63 -20.91 -3.72 -40.89
C HIS A 63 -21.96 -2.69 -40.45
N VAL A 64 -21.74 -2.03 -39.32
CA VAL A 64 -22.68 -1.02 -38.84
C VAL A 64 -22.76 0.16 -39.81
N ILE A 65 -21.61 0.54 -40.39
CA ILE A 65 -21.59 1.62 -41.37
C ILE A 65 -22.37 1.22 -42.62
N LYS A 66 -22.07 0.03 -43.16
CA LYS A 66 -22.68 -0.41 -44.41
C LYS A 66 -24.19 -0.65 -44.26
N SER A 67 -24.65 -0.96 -43.06
CA SER A 67 -26.06 -1.27 -42.83
C SER A 67 -26.91 -0.04 -42.52
N GLY A 68 -26.30 1.14 -42.46
CA GLY A 68 -27.06 2.36 -42.23
C GLY A 68 -27.50 2.59 -40.81
N PHE A 69 -26.84 1.97 -39.83
CA PHE A 69 -27.18 2.16 -38.42
C PHE A 69 -26.15 3.02 -37.70
N GLU A 70 -25.49 3.92 -38.43
CA GLU A 70 -24.49 4.80 -37.82
C GLU A 70 -25.11 5.84 -36.90
N SER A 71 -26.44 5.93 -36.83
CA SER A 71 -27.10 6.90 -35.96
C SER A 71 -27.91 6.25 -34.85
N ASP A 72 -28.00 4.92 -34.81
CA ASP A 72 -28.77 4.26 -33.77
C ASP A 72 -28.07 4.39 -32.43
N VAL A 73 -28.82 4.81 -31.40
CA VAL A 73 -28.20 5.16 -30.12
C VAL A 73 -27.61 3.92 -29.46
N TYR A 74 -28.30 2.78 -29.54
CA TYR A 74 -27.84 1.60 -28.82
C TYR A 74 -26.63 0.96 -29.50
N VAL A 75 -26.61 0.97 -30.83
CA VAL A 75 -25.46 0.46 -31.57
C VAL A 75 -24.22 1.29 -31.27
N GLN A 76 -24.36 2.62 -31.29
CA GLN A 76 -23.21 3.49 -31.03
C GLN A 76 -22.72 3.35 -29.59
N SER A 77 -23.65 3.25 -28.63
CA SER A 77 -23.24 3.01 -27.25
C SER A 77 -22.51 1.68 -27.12
N ALA A 78 -22.94 0.66 -27.87
CA ALA A 78 -22.23 -0.61 -27.87
C ALA A 78 -20.85 -0.48 -28.50
N LEU A 79 -20.71 0.40 -29.49
CA LEU A 79 -19.39 0.66 -30.07
C LEU A 79 -18.47 1.30 -29.04
N ILE A 80 -19.00 2.27 -28.27
CA ILE A 80 -18.20 2.92 -27.23
C ILE A 80 -17.70 1.88 -26.24
N ASP A 81 -18.61 1.05 -25.72
CA ASP A 81 -18.24 0.05 -24.73
C ASP A 81 -17.26 -0.96 -25.29
N MET A 82 -17.36 -1.28 -26.59
CA MET A 82 -16.42 -2.21 -27.19
C MET A 82 -15.01 -1.62 -27.27
N TYR A 83 -14.90 -0.39 -27.78
CA TYR A 83 -13.58 0.23 -27.87
C TYR A 83 -12.96 0.44 -26.50
N ALA A 84 -13.78 0.85 -25.52
CA ALA A 84 -13.28 1.08 -24.16
C ALA A 84 -12.67 -0.19 -23.58
N LYS A 85 -13.45 -1.28 -23.54
CA LYS A 85 -12.97 -2.53 -22.95
C LYS A 85 -11.82 -3.15 -23.73
N CYS A 86 -11.59 -2.72 -24.97
CA CYS A 86 -10.44 -3.16 -25.75
C CYS A 86 -9.25 -2.22 -25.62
N GLY A 87 -9.31 -1.26 -24.69
CA GLY A 87 -8.18 -0.37 -24.46
C GLY A 87 -7.94 0.66 -25.53
N GLU A 88 -9.00 1.11 -26.22
CA GLU A 88 -8.90 2.12 -27.27
C GLU A 88 -9.85 3.26 -26.92
N LEU A 89 -9.43 4.10 -25.98
CA LEU A 89 -10.31 5.16 -25.47
C LEU A 89 -10.49 6.27 -26.49
N GLU A 90 -9.47 6.53 -27.33
CA GLU A 90 -9.62 7.55 -28.37
C GLU A 90 -10.67 7.14 -29.39
N ASP A 91 -10.65 5.87 -29.82
CA ASP A 91 -11.67 5.39 -30.75
C ASP A 91 -13.06 5.43 -30.10
N ALA A 92 -13.14 5.09 -28.82
CA ALA A 92 -14.42 5.17 -28.11
C ALA A 92 -14.90 6.62 -28.03
N ARG A 93 -13.99 7.54 -27.70
CA ARG A 93 -14.35 8.96 -27.63
C ARG A 93 -14.79 9.48 -28.99
N LYS A 94 -14.07 9.10 -30.04
CA LYS A 94 -14.46 9.50 -31.40
C LYS A 94 -15.89 9.08 -31.71
N VAL A 95 -16.25 7.84 -31.37
CA VAL A 95 -17.62 7.36 -31.57
C VAL A 95 -18.59 8.21 -30.76
N PHE A 96 -18.22 8.54 -29.51
CA PHE A 96 -19.11 9.30 -28.63
C PHE A 96 -19.38 10.70 -29.17
N ASP A 97 -18.36 11.34 -29.75
CA ASP A 97 -18.53 12.71 -30.21
C ASP A 97 -19.37 12.79 -31.48
N GLU A 98 -19.20 11.83 -32.39
CA GLU A 98 -19.89 11.84 -33.67
C GLU A 98 -21.34 11.37 -33.57
N MET A 99 -21.81 10.99 -32.39
CA MET A 99 -23.15 10.45 -32.25
C MET A 99 -24.17 11.55 -32.47
N PRO A 100 -25.21 11.33 -33.28
CA PRO A 100 -26.27 12.34 -33.41
C PRO A 100 -27.24 12.39 -32.23
N GLU A 101 -27.28 11.35 -31.40
CA GLU A 101 -28.18 11.33 -30.25
C GLU A 101 -27.64 10.34 -29.22
N ARG A 102 -27.53 10.77 -27.97
CA ARG A 102 -27.04 9.93 -26.89
C ARG A 102 -28.03 9.91 -25.73
N ASN A 103 -28.30 8.71 -25.21
CA ASN A 103 -29.05 8.57 -23.98
C ASN A 103 -28.08 8.37 -22.82
N VAL A 104 -28.62 8.04 -21.65
CA VAL A 104 -27.79 7.91 -20.46
C VAL A 104 -26.81 6.74 -20.59
N VAL A 105 -27.21 5.68 -21.29
CA VAL A 105 -26.32 4.53 -21.48
C VAL A 105 -25.06 4.94 -22.21
N SER A 106 -25.19 5.83 -23.21
CA SER A 106 -24.02 6.26 -23.97
C SER A 106 -23.05 7.08 -23.11
N TRP A 107 -23.57 7.89 -22.20
CA TRP A 107 -22.71 8.67 -21.32
C TRP A 107 -22.01 7.77 -20.31
N ASN A 108 -22.73 6.80 -19.76
CA ASN A 108 -22.13 5.86 -18.81
C ASN A 108 -21.01 5.07 -19.47
N ALA A 109 -21.23 4.59 -20.69
CA ALA A 109 -20.19 3.84 -21.39
C ALA A 109 -18.92 4.67 -21.52
N MET A 110 -19.06 5.95 -21.90
CA MET A 110 -17.89 6.79 -22.08
C MET A 110 -17.25 7.17 -20.74
N ILE A 111 -18.09 7.59 -19.78
CA ILE A 111 -17.56 7.96 -18.47
C ILE A 111 -16.86 6.76 -17.83
N SER A 112 -17.54 5.61 -17.79
CA SER A 112 -16.95 4.43 -17.16
C SER A 112 -15.70 3.99 -17.89
N GLY A 113 -15.70 4.10 -19.23
CA GLY A 113 -14.49 3.77 -19.98
C GLY A 113 -13.28 4.57 -19.53
N TYR A 114 -13.49 5.85 -19.20
CA TYR A 114 -12.40 6.67 -18.70
C TYR A 114 -11.99 6.25 -17.30
N ALA A 115 -12.97 6.10 -16.40
CA ALA A 115 -12.66 5.78 -15.01
C ALA A 115 -11.97 4.42 -14.88
N GLN A 116 -12.44 3.42 -15.63
CA GLN A 116 -11.87 2.08 -15.53
C GLN A 116 -10.46 2.02 -16.08
N ASN A 117 -10.03 3.00 -16.87
CA ASN A 117 -8.72 2.99 -17.50
C ASN A 117 -7.81 4.09 -16.96
N GLY A 118 -8.08 4.53 -15.73
CA GLY A 118 -7.20 5.45 -15.04
C GLY A 118 -7.46 6.92 -15.28
N GLN A 119 -8.05 7.29 -16.42
CA GLN A 119 -8.26 8.70 -16.76
C GLN A 119 -9.41 9.25 -15.93
N SER A 120 -9.13 9.45 -14.64
CA SER A 120 -10.17 9.88 -13.71
C SER A 120 -10.57 11.33 -13.95
N GLU A 121 -9.64 12.19 -14.35
CA GLU A 121 -9.98 13.59 -14.60
C GLU A 121 -10.96 13.71 -15.77
N GLU A 122 -10.67 13.04 -16.88
CA GLU A 122 -11.57 13.10 -18.03
C GLU A 122 -12.93 12.47 -17.71
N ALA A 123 -12.95 11.47 -16.82
CA ALA A 123 -14.23 10.88 -16.41
C ALA A 123 -15.09 11.91 -15.68
N LEU A 124 -14.50 12.64 -14.74
CA LEU A 124 -15.26 13.64 -13.99
C LEU A 124 -15.61 14.83 -14.87
N GLU A 125 -14.72 15.22 -15.78
CA GLU A 125 -15.02 16.27 -16.73
C GLU A 125 -16.21 15.88 -17.60
N LEU A 126 -16.20 14.66 -18.13
CA LEU A 126 -17.33 14.15 -18.90
C LEU A 126 -18.61 14.15 -18.06
N PHE A 127 -18.49 13.85 -16.77
CA PHE A 127 -19.66 13.82 -15.89
C PHE A 127 -20.22 15.21 -15.64
N ARG A 128 -19.35 16.22 -15.56
CA ARG A 128 -19.83 17.59 -15.41
C ARG A 128 -20.55 18.05 -16.67
N GLU A 129 -19.98 17.75 -17.85
CA GLU A 129 -20.66 18.03 -19.11
C GLU A 129 -22.01 17.33 -19.17
N MET A 130 -22.09 16.11 -18.63
CA MET A 130 -23.34 15.35 -18.66
C MET A 130 -24.44 16.05 -17.87
N GLN A 131 -24.06 16.70 -16.76
CA GLN A 131 -25.07 17.30 -15.89
C GLN A 131 -25.57 18.63 -16.42
N GLN A 132 -24.72 19.37 -17.15
CA GLN A 132 -25.17 20.63 -17.74
C GLN A 132 -26.24 20.40 -18.80
N GLU A 133 -26.16 19.30 -19.53
CA GLU A 133 -27.16 18.95 -20.53
CA GLU A 133 -27.18 18.99 -20.52
C GLU A 133 -28.45 18.40 -19.90
N GLY A 134 -28.47 18.17 -18.59
CA GLY A 134 -29.68 17.74 -17.93
C GLY A 134 -30.01 16.27 -18.09
N ILE A 135 -29.00 15.43 -18.29
CA ILE A 135 -29.21 13.98 -18.40
C ILE A 135 -29.09 13.38 -17.01
N LYS A 136 -30.12 12.66 -16.59
CA LYS A 136 -30.16 12.12 -15.24
C LYS A 136 -29.16 10.98 -15.10
N PRO A 137 -28.19 11.07 -14.20
CA PRO A 137 -27.26 9.96 -13.99
C PRO A 137 -27.92 8.82 -13.23
N SER A 138 -27.63 7.60 -13.66
CA SER A 138 -28.12 6.41 -12.97
C SER A 138 -27.14 6.01 -11.86
N GLU A 139 -27.46 4.92 -11.17
CA GLU A 139 -26.59 4.43 -10.11
C GLU A 139 -25.24 4.00 -10.66
N PHE A 140 -25.21 3.47 -11.88
CA PHE A 140 -23.94 3.11 -12.51
C PHE A 140 -23.10 4.35 -12.78
N THR A 141 -23.75 5.45 -13.20
CA THR A 141 -23.03 6.70 -13.40
C THR A 141 -22.33 7.14 -12.13
N PHE A 142 -23.05 7.08 -11.01
CA PHE A 142 -22.49 7.54 -9.73
C PHE A 142 -21.38 6.62 -9.25
N CYS A 143 -21.51 5.31 -9.50
CA CYS A 143 -20.45 4.39 -9.10
C CYS A 143 -19.16 4.66 -9.87
N SER A 144 -19.27 5.06 -11.14
CA SER A 144 -18.08 5.34 -11.93
C SER A 144 -17.37 6.60 -11.45
N VAL A 145 -18.11 7.68 -11.21
CA VAL A 145 -17.45 8.93 -10.81
C VAL A 145 -16.97 8.85 -9.36
N LEU A 146 -17.64 8.04 -8.53
CA LEU A 146 -17.12 7.82 -7.18
C LEU A 146 -15.78 7.10 -7.24
N SER A 147 -15.63 6.14 -8.16
CA SER A 147 -14.35 5.47 -8.32
C SER A 147 -13.30 6.38 -8.92
N ALA A 148 -13.72 7.36 -9.74
CA ALA A 148 -12.77 8.35 -10.23
C ALA A 148 -12.24 9.23 -9.10
N CYS A 149 -13.14 9.71 -8.24
CA CYS A 149 -12.72 10.50 -7.08
C CYS A 149 -11.80 9.69 -6.18
N ALA A 150 -12.15 8.43 -5.93
CA ALA A 150 -11.30 7.56 -5.12
C ALA A 150 -9.89 7.49 -5.68
N SER A 151 -9.77 7.42 -7.00
CA SER A 151 -8.45 7.37 -7.63
C SER A 151 -7.71 8.69 -7.46
N LEU A 152 -8.41 9.81 -7.62
CA LEU A 152 -7.80 11.13 -7.55
C LEU A 152 -7.55 11.59 -6.12
N GLY A 153 -8.25 11.02 -5.15
CA GLY A 153 -8.10 11.42 -3.76
C GLY A 153 -8.84 12.67 -3.38
N SER A 154 -9.59 13.28 -4.30
CA SER A 154 -10.32 14.53 -4.02
C SER A 154 -11.51 14.21 -3.12
N LEU A 155 -11.39 14.55 -1.84
CA LEU A 155 -12.47 14.26 -0.89
C LEU A 155 -13.64 15.21 -1.08
N GLU A 156 -13.37 16.49 -1.33
CA GLU A 156 -14.45 17.45 -1.49
C GLU A 156 -15.31 17.12 -2.71
N MET A 157 -14.69 16.64 -3.78
CA MET A 157 -15.45 16.21 -4.96
C MET A 157 -16.38 15.04 -4.60
N GLY A 158 -15.84 14.01 -3.95
CA GLY A 158 -16.67 12.89 -3.55
C GLY A 158 -17.80 13.30 -2.64
N LYS A 159 -17.57 14.28 -1.77
CA LYS A 159 -18.66 14.82 -0.96
C LYS A 159 -19.76 15.39 -1.82
N GLN A 160 -19.40 16.07 -2.91
CA GLN A 160 -20.41 16.58 -3.85
C GLN A 160 -21.22 15.45 -4.45
N ILE A 161 -20.54 14.47 -5.07
CA ILE A 161 -21.24 13.34 -5.67
C ILE A 161 -22.09 12.62 -4.64
N HIS A 162 -21.64 12.56 -3.38
CA HIS A 162 -22.45 11.97 -2.32
C HIS A 162 -23.80 12.67 -2.19
N GLY A 163 -23.78 14.01 -2.19
CA GLY A 163 -25.03 14.75 -2.15
C GLY A 163 -25.89 14.48 -3.37
N TYR A 164 -25.28 14.40 -4.55
CA TYR A 164 -26.01 14.11 -5.77
C TYR A 164 -26.71 12.75 -5.69
N VAL A 165 -26.05 11.77 -5.06
CA VAL A 165 -26.67 10.46 -4.85
C VAL A 165 -27.84 10.57 -3.88
N ILE A 166 -27.68 11.34 -2.81
CA ILE A 166 -28.80 11.59 -1.89
C ILE A 166 -29.96 12.23 -2.64
N LYS A 167 -29.65 13.18 -3.53
CA LYS A 167 -30.70 13.84 -4.32
C LYS A 167 -31.44 12.85 -5.19
N SER A 168 -30.71 11.96 -5.87
CA SER A 168 -31.32 11.04 -6.83
C SER A 168 -31.94 9.82 -6.18
N GLY A 169 -31.92 9.73 -4.85
CA GLY A 169 -32.53 8.59 -4.18
C GLY A 169 -31.85 7.26 -4.43
N PHE A 170 -30.53 7.26 -4.63
CA PHE A 170 -29.77 6.05 -4.87
C PHE A 170 -29.00 5.56 -3.66
N GLU A 171 -29.13 6.23 -2.51
CA GLU A 171 -28.26 5.96 -1.36
C GLU A 171 -28.46 4.57 -0.77
N SER A 172 -29.56 3.90 -1.09
CA SER A 172 -29.80 2.55 -0.58
C SER A 172 -29.41 1.48 -1.58
N ILE A 173 -28.90 1.85 -2.76
CA ILE A 173 -28.40 0.87 -3.71
C ILE A 173 -27.10 0.28 -3.17
N VAL A 174 -27.03 -1.06 -3.13
CA VAL A 174 -25.89 -1.72 -2.50
C VAL A 174 -24.59 -1.31 -3.17
N PHE A 175 -24.56 -1.32 -4.50
CA PHE A 175 -23.35 -0.94 -5.24
C PHE A 175 -22.95 0.50 -4.94
N VAL A 176 -23.92 1.39 -4.75
CA VAL A 176 -23.59 2.78 -4.46
C VAL A 176 -23.00 2.92 -3.07
N GLY A 177 -23.54 2.17 -2.10
CA GLY A 177 -22.96 2.19 -0.77
C GLY A 177 -21.52 1.71 -0.77
N ASN A 178 -21.24 0.63 -1.51
CA ASN A 178 -19.87 0.12 -1.59
C ASN A 178 -18.94 1.16 -2.21
N ALA A 179 -19.39 1.81 -3.29
CA ALA A 179 -18.56 2.79 -3.97
C ALA A 179 -18.28 4.00 -3.10
N LEU A 180 -19.20 4.34 -2.18
CA LEU A 180 -18.99 5.49 -1.30
C LEU A 180 -17.98 5.16 -0.20
N ILE A 181 -18.05 3.94 0.35
CA ILE A 181 -17.07 3.51 1.34
C ILE A 181 -15.68 3.54 0.74
N ASP A 182 -15.54 2.98 -0.46
CA ASP A 182 -14.25 2.95 -1.15
C ASP A 182 -13.73 4.35 -1.40
N MET A 183 -14.61 5.28 -1.79
CA MET A 183 -14.17 6.64 -2.07
C MET A 183 -13.71 7.35 -0.81
N TYR A 184 -14.52 7.28 0.25
CA TYR A 184 -14.15 7.97 1.49
C TYR A 184 -12.88 7.39 2.09
N ALA A 185 -12.71 6.06 2.04
CA ALA A 185 -11.52 5.45 2.59
C ALA A 185 -10.26 5.90 1.85
N LYS A 186 -10.30 5.88 0.52
CA LYS A 186 -9.12 6.26 -0.25
C LYS A 186 -8.88 7.76 -0.25
N CYS A 187 -9.88 8.57 0.12
CA CYS A 187 -9.73 10.01 0.22
C CYS A 187 -9.38 10.47 1.63
N GLY A 188 -9.32 9.56 2.61
CA GLY A 188 -8.79 9.86 3.92
C GLY A 188 -9.82 10.03 5.01
N SER A 189 -11.09 10.24 4.67
CA SER A 189 -12.15 10.44 5.66
C SER A 189 -12.75 9.09 6.01
N ILE A 190 -12.04 8.35 6.87
CA ILE A 190 -12.47 6.99 7.21
C ILE A 190 -13.75 7.02 8.03
N GLU A 191 -13.99 8.07 8.81
CA GLU A 191 -15.20 8.14 9.62
C GLU A 191 -16.44 8.22 8.75
N ASP A 192 -16.40 9.03 7.70
CA ASP A 192 -17.54 9.13 6.79
C ASP A 192 -17.79 7.81 6.07
N ALA A 193 -16.73 7.05 5.77
CA ALA A 193 -16.91 5.73 5.19
C ALA A 193 -17.61 4.80 6.16
N ARG A 194 -17.22 4.82 7.44
CA ARG A 194 -17.90 4.02 8.44
C ARG A 194 -19.34 4.49 8.63
N LYS A 195 -19.59 5.79 8.51
CA LYS A 195 -20.95 6.31 8.58
C LYS A 195 -21.82 5.70 7.49
N VAL A 196 -21.28 5.62 6.26
CA VAL A 196 -22.02 5.00 5.17
C VAL A 196 -22.21 3.51 5.43
N PHE A 197 -21.16 2.83 5.91
CA PHE A 197 -21.23 1.38 6.11
C PHE A 197 -22.28 1.01 7.15
N ASP A 198 -22.33 1.74 8.26
CA ASP A 198 -23.34 1.45 9.28
C ASP A 198 -24.75 1.71 8.76
N GLU A 199 -24.92 2.75 7.94
CA GLU A 199 -26.25 3.15 7.48
C GLU A 199 -26.80 2.22 6.40
N MET A 200 -25.97 1.37 5.79
CA MET A 200 -26.45 0.53 4.71
C MET A 200 -27.50 -0.46 5.23
N PRO A 201 -28.68 -0.51 4.61
CA PRO A 201 -29.67 -1.52 5.04
C PRO A 201 -29.29 -2.92 4.60
N GLU A 202 -28.53 -3.07 3.52
CA GLU A 202 -28.10 -4.37 3.03
C GLU A 202 -26.60 -4.34 2.79
N ARG A 203 -25.88 -5.27 3.41
CA ARG A 203 -24.42 -5.35 3.30
C ARG A 203 -24.03 -6.71 2.75
N THR A 204 -23.21 -6.70 1.70
CA THR A 204 -22.66 -7.92 1.14
C THR A 204 -21.22 -8.10 1.64
N VAL A 205 -20.60 -9.19 1.21
CA VAL A 205 -19.20 -9.42 1.53
C VAL A 205 -18.34 -8.30 0.97
N VAL A 206 -18.71 -7.75 -0.18
CA VAL A 206 -17.98 -6.61 -0.76
C VAL A 206 -18.07 -5.41 0.17
N SER A 207 -19.24 -5.19 0.79
CA SER A 207 -19.40 -4.08 1.72
C SER A 207 -18.45 -4.23 2.91
N TRP A 208 -18.43 -5.41 3.54
CA TRP A 208 -17.52 -5.64 4.66
C TRP A 208 -16.06 -5.51 4.21
N THR A 209 -15.74 -6.06 3.05
CA THR A 209 -14.37 -6.02 2.55
C THR A 209 -13.90 -4.59 2.35
N ALA A 210 -14.78 -3.72 1.84
CA ALA A 210 -14.40 -2.32 1.65
C ALA A 210 -14.13 -1.63 2.98
N MET A 211 -14.99 -1.85 3.98
CA MET A 211 -14.77 -1.26 5.29
C MET A 211 -13.50 -1.81 5.95
N ILE A 212 -13.27 -3.12 5.84
CA ILE A 212 -12.08 -3.72 6.45
C ILE A 212 -10.82 -3.19 5.78
N SER A 213 -10.82 -3.14 4.44
CA SER A 213 -9.67 -2.63 3.71
C SER A 213 -9.38 -1.18 4.08
N GLY A 214 -10.43 -0.35 4.15
CA GLY A 214 -10.23 1.05 4.49
C GLY A 214 -9.53 1.24 5.82
N TYR A 215 -9.99 0.49 6.83
CA TYR A 215 -9.32 0.54 8.14
C TYR A 215 -7.87 0.09 8.03
N ALA A 216 -7.62 -1.00 7.30
CA ALA A 216 -6.26 -1.53 7.21
C ALA A 216 -5.33 -0.59 6.47
N GLN A 217 -5.82 0.14 5.47
CA GLN A 217 -4.97 1.02 4.69
C GLN A 217 -4.68 2.33 5.42
N ASN A 218 -5.57 2.77 6.30
CA ASN A 218 -5.34 3.96 7.11
CA ASN A 218 -5.33 3.95 7.11
C ASN A 218 -4.62 3.63 8.41
N GLY A 219 -3.85 2.54 8.45
CA GLY A 219 -3.12 2.13 9.64
C GLY A 219 -3.96 1.56 10.76
N GLN A 220 -5.28 1.72 10.73
CA GLN A 220 -6.16 1.35 11.83
C GLN A 220 -6.42 -0.16 11.82
N SER A 221 -5.38 -0.90 12.20
CA SER A 221 -5.42 -2.35 12.02
C SER A 221 -6.31 -3.05 13.04
N GLU A 222 -6.44 -2.51 14.25
CA GLU A 222 -7.26 -3.18 15.25
C GLU A 222 -8.74 -3.12 14.91
N GLU A 223 -9.21 -1.98 14.38
CA GLU A 223 -10.60 -1.89 13.96
C GLU A 223 -10.88 -2.82 12.78
N ALA A 224 -9.91 -2.98 11.89
CA ALA A 224 -10.07 -3.92 10.79
C ALA A 224 -10.28 -5.34 11.31
N LEU A 225 -9.46 -5.76 12.27
CA LEU A 225 -9.60 -7.10 12.84
C LEU A 225 -10.90 -7.25 13.61
N GLU A 226 -11.31 -6.20 14.35
CA GLU A 226 -12.57 -6.26 15.07
C GLU A 226 -13.75 -6.38 14.11
N LEU A 227 -13.71 -5.65 13.00
CA LEU A 227 -14.76 -5.78 12.00
C LEU A 227 -14.72 -7.14 11.31
N PHE A 228 -13.53 -7.74 11.19
CA PHE A 228 -13.44 -9.09 10.64
C PHE A 228 -14.04 -10.13 11.57
N ARG A 229 -13.90 -9.93 12.89
CA ARG A 229 -14.58 -10.81 13.84
C ARG A 229 -16.09 -10.56 13.82
N GLU A 230 -16.49 -9.28 13.84
CA GLU A 230 -17.91 -8.94 13.74
C GLU A 230 -18.52 -9.54 12.48
N MET A 231 -17.78 -9.54 11.37
CA MET A 231 -18.28 -10.08 10.12
C MET A 231 -18.59 -11.57 10.26
N GLN A 232 -17.76 -12.30 11.01
CA GLN A 232 -18.03 -13.72 11.23
C GLN A 232 -19.21 -13.94 12.16
N ARG A 233 -19.45 -13.01 13.09
CA ARG A 233 -20.59 -13.15 14.00
C ARG A 233 -21.91 -12.96 13.26
N GLU A 234 -21.95 -12.02 12.31
CA GLU A 234 -23.16 -11.78 11.54
C GLU A 234 -23.43 -12.87 10.50
N GLY A 235 -22.48 -13.75 10.25
CA GLY A 235 -22.68 -14.80 9.27
C GLY A 235 -22.23 -14.48 7.86
N VAL A 236 -21.55 -13.36 7.64
CA VAL A 236 -21.04 -13.02 6.32
C VAL A 236 -19.73 -13.77 6.11
N LYS A 237 -19.66 -14.55 5.03
CA LYS A 237 -18.51 -15.42 4.79
C LYS A 237 -17.42 -14.64 4.07
N PRO A 238 -16.23 -14.49 4.66
CA PRO A 238 -15.13 -13.86 3.94
C PRO A 238 -14.68 -14.70 2.76
N ASP A 239 -14.14 -14.03 1.74
CA ASP A 239 -13.65 -14.73 0.55
C ASP A 239 -12.21 -14.33 0.25
N GLU A 240 -11.74 -14.67 -0.96
CA GLU A 240 -10.36 -14.43 -1.34
C GLU A 240 -10.02 -12.95 -1.51
N VAL A 241 -11.02 -12.07 -1.57
CA VAL A 241 -10.74 -10.64 -1.56
C VAL A 241 -10.65 -10.10 -0.14
N THR A 242 -11.43 -10.65 0.79
CA THR A 242 -11.43 -10.16 2.16
C THR A 242 -10.12 -10.45 2.87
N LEU A 243 -9.59 -11.65 2.70
CA LEU A 243 -8.51 -12.18 3.52
C LEU A 243 -7.19 -11.40 3.37
N PRO A 244 -6.76 -11.01 2.15
CA PRO A 244 -5.54 -10.18 2.06
C PRO A 244 -5.58 -8.93 2.92
N SER A 245 -6.71 -8.21 2.96
CA SER A 245 -6.80 -7.02 3.79
C SER A 245 -6.70 -7.38 5.27
N VAL A 246 -7.34 -8.49 5.66
CA VAL A 246 -7.22 -8.96 7.05
C VAL A 246 -5.78 -9.31 7.37
N LEU A 247 -5.10 -9.98 6.44
CA LEU A 247 -3.69 -10.31 6.63
C LEU A 247 -2.84 -9.06 6.66
N SER A 248 -3.18 -8.05 5.85
CA SER A 248 -2.43 -6.80 5.86
C SER A 248 -2.55 -6.11 7.22
N ALA A 249 -3.73 -6.15 7.83
CA ALA A 249 -3.90 -5.59 9.16
C ALA A 249 -3.03 -6.32 10.18
N CYS A 250 -3.00 -7.66 10.09
CA CYS A 250 -2.09 -8.43 10.95
C CYS A 250 -0.65 -8.05 10.71
N ALA A 251 -0.28 -7.84 9.44
CA ALA A 251 1.09 -7.45 9.11
C ALA A 251 1.47 -6.14 9.78
N ASN A 252 0.60 -5.14 9.71
CA ASN A 252 0.92 -3.84 10.32
CA ASN A 252 0.92 -3.84 10.31
C ASN A 252 1.14 -3.97 11.82
N LEU A 253 0.31 -4.79 12.49
CA LEU A 253 0.42 -4.95 13.94
C LEU A 253 1.59 -5.82 14.37
N GLY A 254 2.12 -6.66 13.47
CA GLY A 254 3.23 -7.50 13.84
C GLY A 254 2.90 -8.60 14.82
N ALA A 255 1.63 -8.91 15.01
CA ALA A 255 1.18 -9.96 15.92
C ALA A 255 1.30 -11.30 15.19
N LEU A 256 2.44 -11.96 15.38
CA LEU A 256 2.73 -13.18 14.63
C LEU A 256 1.72 -14.27 14.93
N GLU A 257 1.30 -14.40 16.20
CA GLU A 257 0.36 -15.46 16.56
C GLU A 257 -1.04 -15.18 16.02
N GLN A 258 -1.45 -13.90 15.99
CA GLN A 258 -2.72 -13.57 15.34
C GLN A 258 -2.68 -13.84 13.85
N GLY A 259 -1.51 -13.66 13.22
CA GLY A 259 -1.40 -13.99 11.81
C GLY A 259 -1.54 -15.47 11.54
N LYS A 260 -0.94 -16.31 12.39
CA LYS A 260 -1.04 -17.76 12.22
C LYS A 260 -2.48 -18.24 12.39
N GLN A 261 -3.25 -17.59 13.28
CA GLN A 261 -4.66 -17.94 13.44
C GLN A 261 -5.44 -17.62 12.17
N ILE A 262 -5.15 -16.50 11.52
CA ILE A 262 -5.81 -16.18 10.26
C ILE A 262 -5.34 -17.12 9.17
N HIS A 263 -4.07 -17.54 9.24
CA HIS A 263 -3.57 -18.52 8.28
C HIS A 263 -4.33 -19.84 8.38
N ALA A 264 -4.62 -20.30 9.60
CA ALA A 264 -5.41 -21.51 9.77
C ALA A 264 -6.83 -21.34 9.24
N TYR A 265 -7.42 -20.15 9.46
CA TYR A 265 -8.73 -19.87 8.87
C TYR A 265 -8.65 -19.89 7.35
N VAL A 266 -7.56 -19.35 6.80
CA VAL A 266 -7.39 -19.37 5.35
C VAL A 266 -7.35 -20.82 4.86
N ILE A 267 -6.67 -21.69 5.60
CA ILE A 267 -6.60 -23.09 5.22
C ILE A 267 -7.98 -23.75 5.31
N LYS A 268 -8.67 -23.53 6.43
CA LYS A 268 -10.02 -24.06 6.62
C LYS A 268 -10.94 -23.73 5.45
N SER A 269 -10.94 -22.47 5.05
CA SER A 269 -11.90 -21.99 4.05
C SER A 269 -11.49 -22.30 2.62
N GLY A 270 -10.36 -22.98 2.41
CA GLY A 270 -9.95 -23.37 1.09
C GLY A 270 -9.36 -22.29 0.22
N PHE A 271 -8.98 -21.14 0.80
CA PHE A 271 -8.47 -20.03 0.02
C PHE A 271 -6.94 -19.97 0.01
N GLU A 272 -6.26 -20.98 0.56
CA GLU A 272 -4.81 -20.89 0.70
C GLU A 272 -4.12 -20.84 -0.65
N SER A 273 -4.62 -21.59 -1.63
CA SER A 273 -3.97 -21.67 -2.93
C SER A 273 -4.22 -20.44 -3.81
N ASP A 274 -5.07 -19.51 -3.37
CA ASP A 274 -5.25 -18.27 -4.11
C ASP A 274 -3.95 -17.46 -4.14
N VAL A 275 -3.66 -16.85 -5.28
CA VAL A 275 -2.33 -16.27 -5.50
C VAL A 275 -2.15 -14.98 -4.69
N PHE A 276 -3.20 -14.17 -4.56
CA PHE A 276 -3.08 -12.95 -3.76
C PHE A 276 -3.11 -13.28 -2.28
N VAL A 277 -3.84 -14.32 -1.88
CA VAL A 277 -3.83 -14.74 -0.48
C VAL A 277 -2.44 -15.21 -0.09
N GLY A 278 -1.79 -15.99 -0.95
CA GLY A 278 -0.45 -16.48 -0.64
C GLY A 278 0.57 -15.36 -0.57
N SER A 279 0.50 -14.40 -1.50
CA SER A 279 1.37 -13.24 -1.44
C SER A 279 1.14 -12.43 -0.16
N ALA A 280 -0.13 -12.34 0.28
CA ALA A 280 -0.43 -11.65 1.52
C ALA A 280 0.08 -12.41 2.73
N LEU A 281 0.08 -13.75 2.68
CA LEU A 281 0.65 -14.53 3.78
C LEU A 281 2.15 -14.33 3.88
N ILE A 282 2.85 -14.29 2.73
CA ILE A 282 4.28 -14.03 2.73
C ILE A 282 4.56 -12.68 3.38
N ASP A 283 3.87 -11.64 2.90
CA ASP A 283 4.04 -10.31 3.47
C ASP A 283 3.72 -10.27 4.95
N MET A 284 2.67 -10.98 5.37
CA MET A 284 2.26 -10.93 6.78
C MET A 284 3.33 -11.56 7.66
N TYR A 285 3.83 -12.74 7.28
CA TYR A 285 4.88 -13.38 8.08
C TYR A 285 6.16 -12.53 8.08
N ALA A 286 6.52 -11.95 6.93
CA ALA A 286 7.67 -11.06 6.86
C ALA A 286 7.51 -9.87 7.81
N LYS A 287 6.40 -9.14 7.66
CA LYS A 287 6.12 -7.99 8.52
C LYS A 287 6.03 -8.37 9.99
N CYS A 288 5.73 -9.63 10.31
CA CYS A 288 5.65 -10.08 11.70
C CYS A 288 6.97 -10.63 12.21
N GLY A 289 8.05 -10.47 11.44
CA GLY A 289 9.38 -10.84 11.91
C GLY A 289 9.71 -12.31 11.82
N SER A 290 9.08 -13.05 10.91
CA SER A 290 9.31 -14.49 10.75
C SER A 290 9.61 -14.76 9.28
N ILE A 291 10.88 -14.57 8.89
CA ILE A 291 11.26 -14.81 7.51
C ILE A 291 11.16 -16.30 7.17
N GLU A 292 11.27 -17.17 8.18
CA GLU A 292 11.21 -18.61 7.93
C GLU A 292 9.81 -19.05 7.52
N ASP A 293 8.77 -18.52 8.17
CA ASP A 293 7.41 -18.93 7.82
C ASP A 293 6.96 -18.33 6.49
N ALA A 294 7.42 -17.12 6.17
CA ALA A 294 7.17 -16.57 4.85
C ALA A 294 7.78 -17.46 3.77
N ARG A 295 9.01 -17.94 4.00
CA ARG A 295 9.66 -18.83 3.03
C ARG A 295 8.93 -20.17 2.94
N LYS A 296 8.38 -20.65 4.05
CA LYS A 296 7.62 -21.90 4.01
C LYS A 296 6.37 -21.76 3.14
N VAL A 297 5.65 -20.63 3.27
CA VAL A 297 4.49 -20.38 2.41
C VAL A 297 4.92 -20.36 0.95
N PHE A 298 6.00 -19.63 0.66
CA PHE A 298 6.46 -19.49 -0.72
C PHE A 298 6.85 -20.84 -1.32
N ASP A 299 7.54 -21.68 -0.54
CA ASP A 299 8.05 -22.95 -1.06
C ASP A 299 6.92 -23.94 -1.38
N LYS A 300 5.84 -23.94 -0.60
CA LYS A 300 4.75 -24.88 -0.81
C LYS A 300 3.64 -24.33 -1.70
N MET A 301 3.75 -23.10 -2.17
CA MET A 301 2.75 -22.57 -3.08
C MET A 301 2.63 -23.46 -4.31
N PRO A 302 1.43 -23.90 -4.69
CA PRO A 302 1.31 -24.67 -5.93
C PRO A 302 1.54 -23.82 -7.16
N GLU A 303 1.22 -22.52 -7.11
CA GLU A 303 1.40 -21.63 -8.24
C GLU A 303 2.07 -20.34 -7.77
N ARG A 304 3.18 -19.98 -8.41
CA ARG A 304 3.97 -18.80 -8.07
C ARG A 304 4.08 -17.90 -9.29
N ASP A 305 3.34 -16.79 -9.29
CA ASP A 305 3.49 -15.79 -10.32
C ASP A 305 4.33 -14.63 -9.80
N VAL A 306 4.32 -13.50 -10.52
CA VAL A 306 5.30 -12.44 -10.26
C VAL A 306 5.08 -11.80 -8.90
N VAL A 307 3.82 -11.66 -8.46
CA VAL A 307 3.59 -10.99 -7.18
C VAL A 307 4.04 -11.88 -6.02
N SER A 308 4.00 -13.21 -6.20
CA SER A 308 4.52 -14.10 -5.17
C SER A 308 6.04 -14.00 -5.07
N TRP A 309 6.73 -13.97 -6.21
CA TRP A 309 8.17 -13.78 -6.19
C TRP A 309 8.54 -12.42 -5.60
N ASN A 310 7.83 -11.36 -6.02
CA ASN A 310 8.08 -10.02 -5.49
C ASN A 310 7.92 -9.99 -3.98
N ALA A 311 6.88 -10.61 -3.46
CA ALA A 311 6.63 -10.59 -2.02
C ALA A 311 7.75 -11.28 -1.26
N MET A 312 8.25 -12.41 -1.79
CA MET A 312 9.31 -13.11 -1.08
C MET A 312 10.63 -12.37 -1.19
N ILE A 313 10.89 -11.76 -2.36
CA ILE A 313 12.08 -10.92 -2.51
C ILE A 313 12.01 -9.74 -1.55
N ALA A 314 10.86 -9.06 -1.52
CA ALA A 314 10.68 -7.93 -0.61
C ALA A 314 10.83 -8.37 0.84
N ALA A 315 10.36 -9.57 1.17
CA ALA A 315 10.49 -10.09 2.52
C ALA A 315 11.95 -10.20 2.93
N TYR A 316 12.77 -10.82 2.07
CA TYR A 316 14.21 -10.91 2.37
C TYR A 316 14.85 -9.53 2.40
N ALA A 317 14.38 -8.63 1.53
CA ALA A 317 14.98 -7.29 1.46
C ALA A 317 14.87 -6.57 2.79
N GLN A 318 13.65 -6.46 3.34
CA GLN A 318 13.45 -5.66 4.53
C GLN A 318 14.12 -6.26 5.76
N HIS A 319 14.49 -7.53 5.72
CA HIS A 319 15.25 -8.15 6.80
C HIS A 319 16.75 -8.08 6.57
N GLY A 320 17.19 -7.38 5.53
CA GLY A 320 18.60 -7.29 5.25
C GLY A 320 19.27 -8.56 4.75
N HIS A 321 18.49 -9.57 4.36
CA HIS A 321 19.06 -10.75 3.71
C HIS A 321 19.24 -10.41 2.23
N GLY A 322 20.30 -9.66 1.96
CA GLY A 322 20.49 -9.13 0.61
C GLY A 322 20.86 -10.20 -0.39
N LYS A 323 21.81 -11.06 -0.03
CA LYS A 323 22.23 -12.10 -0.96
C LYS A 323 21.10 -13.07 -1.26
N GLU A 324 20.26 -13.37 -0.26
CA GLU A 324 19.15 -14.28 -0.48
C GLU A 324 18.12 -13.68 -1.42
N ALA A 325 17.86 -12.36 -1.31
CA ALA A 325 16.93 -11.72 -2.24
C ALA A 325 17.45 -11.77 -3.67
N LEU A 326 18.75 -11.50 -3.86
CA LEU A 326 19.32 -11.53 -5.20
C LEU A 326 19.38 -12.95 -5.74
N GLN A 327 19.66 -13.93 -4.87
CA GLN A 327 19.59 -15.32 -5.32
C GLN A 327 18.19 -15.66 -5.83
N LEU A 328 17.16 -15.15 -5.15
CA LEU A 328 15.80 -15.40 -5.59
C LEU A 328 15.49 -14.66 -6.88
N PHE A 329 15.97 -13.42 -7.00
CA PHE A 329 15.82 -12.67 -8.25
C PHE A 329 16.40 -13.43 -9.43
N GLN A 330 17.56 -14.06 -9.24
CA GLN A 330 18.13 -14.88 -10.31
C GLN A 330 17.29 -16.12 -10.56
N GLN A 331 16.91 -16.82 -9.49
CA GLN A 331 16.10 -18.04 -9.64
C GLN A 331 14.79 -17.74 -10.34
N MET A 332 14.21 -16.56 -10.06
CA MET A 332 12.93 -16.22 -10.66
C MET A 332 13.05 -16.04 -12.17
N GLN A 333 14.16 -15.45 -12.62
CA GLN A 333 14.38 -15.32 -14.06
C GLN A 333 14.65 -16.67 -14.72
N GLN A 334 15.40 -17.55 -14.03
CA GLN A 334 15.70 -18.84 -14.61
C GLN A 334 14.45 -19.71 -14.76
N GLU A 335 13.44 -19.48 -13.91
CA GLU A 335 12.17 -20.18 -14.05
C GLU A 335 11.23 -19.51 -15.06
N GLY A 336 11.69 -18.47 -15.75
CA GLY A 336 10.88 -17.84 -16.77
C GLY A 336 9.86 -16.84 -16.27
N VAL A 337 10.09 -16.22 -15.11
CA VAL A 337 9.17 -15.25 -14.53
C VAL A 337 9.76 -13.87 -14.76
N LYS A 338 9.11 -13.08 -15.62
CA LYS A 338 9.66 -11.79 -16.02
C LYS A 338 9.53 -10.79 -14.88
N PRO A 339 10.59 -10.07 -14.53
CA PRO A 339 10.50 -9.06 -13.47
C PRO A 339 9.60 -7.91 -13.88
N SER A 340 9.23 -7.12 -12.88
CA SER A 340 8.46 -5.90 -13.06
C SER A 340 9.18 -4.77 -12.33
N GLU A 341 8.64 -3.55 -12.44
CA GLU A 341 9.22 -2.43 -11.71
C GLU A 341 9.14 -2.63 -10.21
N VAL A 342 8.18 -3.44 -9.74
CA VAL A 342 8.10 -3.76 -8.32
C VAL A 342 9.25 -4.67 -7.91
N THR A 343 9.58 -5.65 -8.76
CA THR A 343 10.73 -6.50 -8.49
C THR A 343 12.00 -5.67 -8.32
N PHE A 344 12.16 -4.64 -9.13
CA PHE A 344 13.39 -3.85 -9.08
C PHE A 344 13.42 -2.91 -7.88
N THR A 345 12.27 -2.40 -7.44
CA THR A 345 12.25 -1.67 -6.18
C THR A 345 12.73 -2.57 -5.03
N SER A 346 12.32 -3.84 -5.04
CA SER A 346 12.66 -4.73 -3.94
C SER A 346 14.14 -5.13 -3.97
N ILE A 347 14.68 -5.49 -5.15
CA ILE A 347 16.08 -5.88 -5.19
C ILE A 347 17.00 -4.67 -4.97
N LEU A 348 16.57 -3.47 -5.37
CA LEU A 348 17.36 -2.28 -5.06
C LEU A 348 17.26 -1.96 -3.58
N SER A 349 16.09 -2.16 -2.98
CA SER A 349 15.95 -2.05 -1.53
C SER A 349 16.81 -3.09 -0.82
N ALA A 350 16.87 -4.32 -1.36
CA ALA A 350 17.71 -5.35 -0.78
C ALA A 350 19.18 -4.95 -0.80
N CYS A 351 19.64 -4.39 -1.93
CA CYS A 351 21.03 -3.91 -1.97
C CYS A 351 21.25 -2.78 -0.98
N SER A 352 20.27 -1.90 -0.81
CA SER A 352 20.38 -0.82 0.17
C SER A 352 20.59 -1.36 1.57
N HIS A 353 19.63 -2.14 2.07
CA HIS A 353 19.66 -2.58 3.46
C HIS A 353 20.86 -3.48 3.77
N ALA A 354 21.48 -4.07 2.76
CA ALA A 354 22.62 -4.95 2.97
C ALA A 354 23.93 -4.37 2.50
N GLY A 355 23.93 -3.16 1.95
CA GLY A 355 25.16 -2.50 1.58
C GLY A 355 25.83 -2.98 0.30
N LEU A 356 25.08 -3.62 -0.61
CA LEU A 356 25.67 -4.07 -1.88
C LEU A 356 25.65 -2.90 -2.87
N VAL A 357 26.70 -2.08 -2.81
CA VAL A 357 26.74 -0.87 -3.62
C VAL A 357 26.94 -1.21 -5.11
N ASP A 358 27.98 -1.99 -5.41
CA ASP A 358 28.23 -2.34 -6.80
C ASP A 358 27.06 -3.10 -7.41
N GLU A 359 26.48 -4.03 -6.64
CA GLU A 359 25.32 -4.78 -7.14
C GLU A 359 24.15 -3.84 -7.43
N GLY A 360 23.92 -2.86 -6.55
CA GLY A 360 22.82 -1.94 -6.77
C GLY A 360 23.00 -1.08 -8.01
N HIS A 361 24.23 -0.56 -8.21
CA HIS A 361 24.50 0.23 -9.40
C HIS A 361 24.27 -0.57 -10.67
N HIS A 362 24.76 -1.81 -10.70
CA HIS A 362 24.61 -2.62 -11.91
C HIS A 362 23.14 -2.93 -12.18
N TYR A 363 22.38 -3.31 -11.15
CA TYR A 363 20.96 -3.61 -11.37
C TYR A 363 20.22 -2.39 -11.88
N PHE A 364 20.47 -1.22 -11.27
CA PHE A 364 19.77 0.00 -11.64
C PHE A 364 20.07 0.38 -13.08
N GLU A 365 21.34 0.39 -13.47
CA GLU A 365 21.71 0.72 -14.84
C GLU A 365 21.23 -0.32 -15.83
N SER A 366 21.05 -1.57 -15.40
CA SER A 366 20.58 -2.60 -16.31
C SER A 366 19.08 -2.55 -16.55
N MET A 367 18.35 -1.70 -15.82
CA MET A 367 16.89 -1.69 -15.91
C MET A 367 16.43 -1.39 -17.33
N SER A 368 16.91 -0.30 -17.92
CA SER A 368 16.40 0.10 -19.22
C SER A 368 17.01 -0.71 -20.37
N PRO A 369 18.35 -0.78 -20.51
CA PRO A 369 18.87 -1.53 -21.66
C PRO A 369 18.64 -3.04 -21.61
N ASP A 370 18.78 -3.67 -20.44
CA ASP A 370 18.70 -5.13 -20.37
C ASP A 370 17.30 -5.65 -20.03
N TYR A 371 16.37 -4.79 -19.63
CA TYR A 371 14.98 -5.15 -19.43
C TYR A 371 14.12 -4.11 -20.13
N GLY A 372 12.80 -4.26 -20.06
CA GLY A 372 11.99 -3.26 -20.72
C GLY A 372 11.61 -2.08 -19.84
N ILE A 373 12.25 -1.93 -18.69
CA ILE A 373 11.71 -1.14 -17.58
C ILE A 373 12.55 0.10 -17.38
N THR A 374 11.92 1.27 -17.53
CA THR A 374 12.58 2.54 -17.23
C THR A 374 12.41 2.88 -15.76
N PRO A 375 13.47 3.35 -15.10
CA PRO A 375 13.40 3.62 -13.66
C PRO A 375 12.38 4.70 -13.34
N ARG A 376 11.61 4.46 -12.28
CA ARG A 376 10.70 5.46 -11.74
C ARG A 376 11.35 6.13 -10.53
N VAL A 377 10.62 7.05 -9.90
CA VAL A 377 11.22 7.88 -8.86
C VAL A 377 11.58 7.06 -7.61
N GLU A 378 10.86 5.96 -7.36
CA GLU A 378 11.21 5.13 -6.22
C GLU A 378 12.53 4.39 -6.44
N HIS A 379 12.83 4.03 -7.70
CA HIS A 379 14.11 3.40 -8.00
C HIS A 379 15.25 4.39 -7.80
N TYR A 380 15.06 5.65 -8.19
CA TYR A 380 16.06 6.67 -7.87
C TYR A 380 16.16 6.85 -6.36
N GLY A 381 15.04 6.77 -5.65
CA GLY A 381 15.07 6.87 -4.19
C GLY A 381 15.92 5.77 -3.56
N CYS A 382 15.77 4.54 -4.05
CA CYS A 382 16.62 3.45 -3.58
C CYS A 382 18.08 3.76 -3.79
N MET A 383 18.43 4.31 -4.96
CA MET A 383 19.81 4.64 -5.26
C MET A 383 20.34 5.71 -4.32
N VAL A 384 19.51 6.71 -4.01
CA VAL A 384 19.90 7.74 -3.05
C VAL A 384 20.14 7.14 -1.69
N ASP A 385 19.33 6.16 -1.29
CA ASP A 385 19.56 5.47 -0.03
C ASP A 385 20.85 4.66 -0.07
N LEU A 386 21.10 3.99 -1.20
CA LEU A 386 22.34 3.22 -1.35
C LEU A 386 23.56 4.11 -1.20
N LEU A 387 23.63 5.19 -1.99
CA LEU A 387 24.76 6.11 -1.87
C LEU A 387 24.86 6.70 -0.48
N GLY A 388 23.73 6.92 0.18
CA GLY A 388 23.75 7.47 1.53
C GLY A 388 24.40 6.53 2.54
N ARG A 389 24.08 5.24 2.47
CA ARG A 389 24.69 4.28 3.38
C ARG A 389 26.20 4.18 3.13
N ALA A 390 26.63 4.37 1.89
CA ALA A 390 28.05 4.32 1.54
C ALA A 390 28.78 5.62 1.86
N GLY A 391 28.10 6.60 2.46
CA GLY A 391 28.75 7.87 2.75
C GLY A 391 29.01 8.76 1.56
N ARG A 392 28.53 8.39 0.38
CA ARG A 392 28.71 9.21 -0.83
C ARG A 392 27.57 10.23 -0.94
N LEU A 393 27.58 11.17 0.00
CA LEU A 393 26.48 12.13 0.09
C LEU A 393 26.45 13.07 -1.11
N ASP A 394 27.61 13.40 -1.67
CA ASP A 394 27.65 14.27 -2.84
C ASP A 394 26.98 13.60 -4.03
N GLU A 395 27.35 12.34 -4.30
CA GLU A 395 26.68 11.56 -5.34
C GLU A 395 25.17 11.54 -5.13
N ALA A 396 24.73 11.37 -3.88
CA ALA A 396 23.30 11.22 -3.60
C ALA A 396 22.54 12.51 -3.86
N GLU A 397 23.08 13.65 -3.40
CA GLU A 397 22.43 14.92 -3.68
C GLU A 397 22.41 15.22 -5.18
N ASP A 398 23.54 15.01 -5.86
CA ASP A 398 23.58 15.22 -7.30
C ASP A 398 22.57 14.36 -8.03
N LEU A 399 22.34 13.13 -7.53
CA LEU A 399 21.33 12.27 -8.15
C LEU A 399 19.94 12.85 -7.98
N ILE A 400 19.68 13.51 -6.84
CA ILE A 400 18.37 14.12 -6.62
C ILE A 400 18.14 15.25 -7.61
N LYS A 401 19.16 16.10 -7.83
CA LYS A 401 19.04 17.16 -8.82
C LYS A 401 18.96 16.58 -10.23
N SER A 402 19.93 15.75 -10.61
CA SER A 402 19.98 15.16 -11.95
C SER A 402 18.79 14.23 -12.23
N MET A 403 17.89 14.04 -11.28
CA MET A 403 16.76 13.15 -11.46
C MET A 403 15.81 13.70 -12.54
N PRO A 404 15.27 12.85 -13.41
CA PRO A 404 14.23 13.30 -14.34
C PRO A 404 12.84 13.28 -13.71
N PHE A 405 12.76 13.55 -12.41
CA PHE A 405 11.49 13.63 -11.71
C PHE A 405 11.51 14.81 -10.75
N GLN A 406 10.34 15.16 -10.27
CA GLN A 406 10.23 16.18 -9.22
C GLN A 406 10.68 15.57 -7.91
N PRO A 407 11.67 16.14 -7.22
CA PRO A 407 12.06 15.61 -5.90
C PRO A 407 10.87 15.63 -4.95
N ASN A 408 10.75 14.59 -4.15
CA ASN A 408 9.69 14.45 -3.17
C ASN A 408 10.27 14.42 -1.76
N VAL A 409 9.38 14.27 -0.77
CA VAL A 409 9.80 14.28 0.62
C VAL A 409 10.57 13.00 0.96
N VAL A 410 10.23 11.88 0.31
CA VAL A 410 10.89 10.61 0.60
C VAL A 410 12.37 10.70 0.27
N VAL A 411 12.69 11.23 -0.91
CA VAL A 411 14.08 11.25 -1.37
C VAL A 411 14.92 12.21 -0.55
N TRP A 412 14.37 13.38 -0.22
CA TRP A 412 15.09 14.32 0.64
C TRP A 412 15.24 13.79 2.05
N GLY A 413 14.17 13.20 2.61
CA GLY A 413 14.27 12.60 3.93
C GLY A 413 15.33 11.52 4.01
N THR A 414 15.44 10.71 2.94
CA THR A 414 16.51 9.72 2.87
C THR A 414 17.87 10.37 3.00
N LEU A 415 18.13 11.41 2.20
CA LEU A 415 19.39 12.13 2.30
C LEU A 415 19.55 12.77 3.68
N LEU A 416 18.48 13.35 4.22
CA LEU A 416 18.56 13.97 5.55
C LEU A 416 18.91 12.94 6.62
N GLY A 417 18.28 11.77 6.57
CA GLY A 417 18.67 10.70 7.49
C GLY A 417 20.11 10.31 7.33
N ALA A 418 20.59 10.22 6.08
CA ALA A 418 21.99 9.89 5.84
C ALA A 418 22.92 10.97 6.36
N CYS A 419 22.48 12.24 6.35
CA CYS A 419 23.30 13.31 6.89
C CYS A 419 23.46 13.17 8.40
N ARG A 420 22.43 12.69 9.10
CA ARG A 420 22.54 12.51 10.53
C ARG A 420 23.54 11.42 10.88
N VAL A 421 23.51 10.31 10.14
CA VAL A 421 24.44 9.21 10.40
C VAL A 421 25.88 9.69 10.26
N HIS A 422 26.17 10.39 9.17
CA HIS A 422 27.54 10.75 8.82
C HIS A 422 27.93 12.15 9.27
N GLY A 423 27.07 12.84 10.02
CA GLY A 423 27.41 14.13 10.59
C GLY A 423 27.65 15.25 9.60
N ASP A 424 26.81 15.34 8.56
CA ASP A 424 26.94 16.35 7.51
C ASP A 424 25.93 17.45 7.79
N VAL A 425 26.35 18.44 8.59
CA VAL A 425 25.44 19.48 9.07
C VAL A 425 24.88 20.29 7.91
N GLU A 426 25.77 20.80 7.05
CA GLU A 426 25.35 21.73 6.01
C GLU A 426 24.44 21.06 4.98
N ARG A 427 24.75 19.82 4.60
CA ARG A 427 23.86 19.10 3.69
C ARG A 427 22.55 18.74 4.39
N GLY A 428 22.61 18.38 5.67
CA GLY A 428 21.38 18.22 6.44
C GLY A 428 20.53 19.47 6.44
N GLU A 429 21.17 20.62 6.69
CA GLU A 429 20.47 21.90 6.62
C GLU A 429 19.71 22.04 5.30
N ARG A 430 20.41 21.90 4.17
CA ARG A 430 19.75 22.01 2.87
C ARG A 430 18.61 21.00 2.75
N ALA A 431 18.85 19.74 3.10
CA ALA A 431 17.82 18.72 2.95
C ALA A 431 16.59 19.04 3.79
N ALA A 432 16.80 19.62 4.98
CA ALA A 432 15.67 19.96 5.85
C ALA A 432 14.80 21.03 5.22
N GLU A 433 15.41 22.11 4.71
CA GLU A 433 14.62 23.18 4.10
C GLU A 433 13.84 22.68 2.90
N ARG A 434 14.45 21.79 2.10
CA ARG A 434 13.73 21.20 0.98
C ARG A 434 12.49 20.45 1.45
N ILE A 435 12.61 19.70 2.56
CA ILE A 435 11.44 18.99 3.09
C ILE A 435 10.40 19.98 3.60
N LEU A 436 10.85 21.02 4.31
CA LEU A 436 9.90 22.01 4.84
C LEU A 436 9.16 22.70 3.71
N GLU A 437 9.85 23.01 2.60
CA GLU A 437 9.20 23.63 1.46
C GLU A 437 8.15 22.70 0.84
N LEU A 438 8.39 21.38 0.89
CA LEU A 438 7.45 20.43 0.30
C LEU A 438 6.34 20.08 1.28
N ASP A 439 6.66 19.93 2.56
CA ASP A 439 5.68 19.58 3.59
C ASP A 439 6.03 20.32 4.88
N PRO A 440 5.43 21.51 5.08
CA PRO A 440 5.81 22.32 6.24
C PRO A 440 5.26 21.82 7.56
N GLU A 441 4.26 20.95 7.54
CA GLU A 441 3.62 20.47 8.77
C GLU A 441 4.17 19.11 9.22
N SER A 442 5.27 18.65 8.65
CA SER A 442 5.91 17.41 9.07
C SER A 442 6.88 17.70 10.20
N ALA A 443 6.81 16.88 11.27
CA ALA A 443 7.69 17.08 12.41
C ALA A 443 9.08 16.48 12.20
N ALA A 444 9.22 15.52 11.29
CA ALA A 444 10.48 14.81 11.14
C ALA A 444 11.67 15.70 10.78
N PRO A 445 11.55 16.67 9.86
CA PRO A 445 12.72 17.53 9.59
C PRO A 445 13.21 18.31 10.81
N TYR A 446 12.29 18.82 11.64
CA TYR A 446 12.71 19.60 12.81
C TYR A 446 13.51 18.74 13.78
N VAL A 447 12.99 17.57 14.13
CA VAL A 447 13.67 16.69 15.07
C VAL A 447 15.03 16.25 14.52
N LEU A 448 15.07 15.93 13.23
CA LEU A 448 16.32 15.50 12.61
C LEU A 448 17.37 16.59 12.68
N LEU A 449 17.01 17.80 12.26
CA LEU A 449 17.97 18.90 12.24
C LEU A 449 18.44 19.24 13.65
N SER A 450 17.52 19.23 14.61
CA SER A 450 17.93 19.43 16.00
C SER A 450 18.96 18.40 16.41
N ASN A 451 18.77 17.13 16.02
CA ASN A 451 19.75 16.09 16.29
C ASN A 451 21.09 16.41 15.63
N ILE A 452 21.06 16.87 14.36
CA ILE A 452 22.29 17.25 13.68
C ILE A 452 23.05 18.29 14.50
N TYR A 453 22.37 19.37 14.87
CA TYR A 453 23.01 20.46 15.59
C TYR A 453 23.53 19.99 16.95
N ALA A 454 22.77 19.16 17.64
CA ALA A 454 23.17 18.70 18.97
C ALA A 454 24.41 17.82 18.91
N ALA A 455 24.42 16.86 17.97
CA ALA A 455 25.59 15.99 17.81
C ALA A 455 26.84 16.79 17.47
N ALA A 456 26.68 17.91 16.77
CA ALA A 456 27.79 18.77 16.37
C ALA A 456 28.09 19.85 17.39
N GLY A 457 27.50 19.80 18.59
CA GLY A 457 27.74 20.79 19.61
C GLY A 457 27.12 22.14 19.37
N ARG A 458 26.33 22.30 18.31
CA ARG A 458 25.65 23.56 18.02
C ARG A 458 24.34 23.63 18.80
N TRP A 459 24.49 23.83 20.12
CA TRP A 459 23.34 23.80 21.01
C TRP A 459 22.35 24.92 20.70
N ASP A 460 22.87 26.10 20.36
CA ASP A 460 22.00 27.25 20.14
C ASP A 460 21.08 27.01 18.94
N GLU A 461 21.64 26.61 17.80
CA GLU A 461 20.82 26.35 16.62
C GLU A 461 19.89 25.18 16.83
N ALA A 462 20.32 24.17 17.59
CA ALA A 462 19.42 23.06 17.93
C ALA A 462 18.19 23.57 18.68
N ALA A 463 18.41 24.46 19.66
CA ALA A 463 17.30 24.98 20.44
C ALA A 463 16.38 25.84 19.59
N LYS A 464 16.95 26.67 18.71
CA LYS A 464 16.13 27.52 17.84
C LYS A 464 15.30 26.68 16.88
N VAL A 465 15.82 25.54 16.44
CA VAL A 465 15.07 24.66 15.57
C VAL A 465 13.86 24.09 16.31
N ARG A 466 14.07 23.61 17.54
CA ARG A 466 12.95 23.13 18.35
C ARG A 466 11.97 24.26 18.64
N LYS A 467 12.48 25.45 18.94
CA LYS A 467 11.60 26.60 19.20
C LYS A 467 10.74 26.91 17.98
N LEU A 468 11.34 26.88 16.78
CA LEU A 468 10.57 27.16 15.57
C LEU A 468 9.48 26.12 15.36
N MET A 469 9.77 24.86 15.72
CA MET A 469 8.78 23.80 15.57
C MET A 469 7.55 24.05 16.46
N LYS A 470 7.79 24.45 17.71
CA LYS A 470 6.68 24.79 18.59
C LYS A 470 5.95 26.04 18.11
N GLU A 471 6.70 27.04 17.60
CA GLU A 471 6.08 28.24 17.06
C GLU A 471 5.11 27.91 15.93
N ARG A 472 5.56 27.14 14.94
CA ARG A 472 4.70 26.81 13.81
C ARG A 472 3.59 25.82 14.16
N GLY A 473 3.48 25.41 15.42
CA GLY A 473 2.42 24.50 15.82
C GLY A 473 2.55 23.10 15.29
N VAL A 474 3.78 22.63 15.05
CA VAL A 474 4.05 21.30 14.53
C VAL A 474 4.48 20.41 15.68
N LYS A 475 3.77 19.30 15.87
CA LYS A 475 4.05 18.37 16.95
C LYS A 475 4.28 16.98 16.40
N LYS A 476 5.22 16.25 17.01
CA LYS A 476 5.47 14.87 16.65
C LYS A 476 4.53 13.95 17.43
N GLU A 477 4.04 12.92 16.75
CA GLU A 477 3.22 11.93 17.43
C GLU A 477 4.05 11.18 18.46
N PRO A 478 3.51 10.91 19.64
CA PRO A 478 4.28 10.18 20.67
C PRO A 478 4.74 8.82 20.16
N GLY A 479 5.91 8.40 20.65
CA GLY A 479 6.41 7.09 20.30
C GLY A 479 5.54 5.98 20.87
N CYS A 480 5.74 4.77 20.34
CA CYS A 480 4.90 3.65 20.71
C CYS A 480 5.60 2.35 20.36
N SER A 481 5.48 1.36 21.24
CA SER A 481 6.07 0.05 21.03
C SER A 481 5.04 -1.03 21.38
N TRP A 482 4.93 -2.04 20.51
CA TRP A 482 4.04 -3.17 20.71
C TRP A 482 4.83 -4.47 20.77
N ILE A 483 4.35 -5.39 21.58
CA ILE A 483 4.90 -6.74 21.67
C ILE A 483 3.73 -7.69 21.90
N GLU A 484 3.76 -8.81 21.19
CA GLU A 484 2.75 -9.85 21.35
C GLU A 484 3.22 -10.85 22.40
N VAL A 485 2.43 -11.02 23.46
CA VAL A 485 2.69 -12.01 24.49
C VAL A 485 1.39 -12.72 24.80
N ASN A 486 1.42 -14.06 24.78
CA ASN A 486 0.25 -14.89 25.08
C ASN A 486 -0.96 -14.47 24.23
N ASN A 487 -0.74 -14.40 22.92
CA ASN A 487 -1.80 -14.06 21.95
C ASN A 487 -2.47 -12.74 22.28
N LYS A 488 -1.74 -11.80 22.88
CA LYS A 488 -2.25 -10.47 23.10
C LYS A 488 -1.15 -9.46 22.81
N VAL A 489 -1.52 -8.35 22.18
CA VAL A 489 -0.57 -7.31 21.80
C VAL A 489 -0.58 -6.23 22.88
N HIS A 490 0.56 -6.08 23.57
CA HIS A 490 0.71 -5.09 24.62
C HIS A 490 1.37 -3.84 24.06
N GLU A 491 0.75 -2.68 24.33
CA GLU A 491 1.23 -1.39 23.88
C GLU A 491 1.91 -0.64 25.01
N PHE A 492 3.05 0.00 24.71
CA PHE A 492 3.78 0.80 25.69
C PHE A 492 4.12 2.15 25.08
N VAL A 493 3.91 3.22 25.86
CA VAL A 493 4.45 4.52 25.54
C VAL A 493 5.65 4.79 26.45
N ALA A 494 6.43 5.81 26.11
CA ALA A 494 7.58 6.18 26.92
C ALA A 494 7.16 6.51 28.36
N GLY A 495 7.81 5.86 29.33
CA GLY A 495 7.48 6.10 30.71
C GLY A 495 6.17 5.51 31.17
N ASP A 496 5.65 4.51 30.44
CA ASP A 496 4.34 3.93 30.76
C ASP A 496 4.30 3.40 32.18
N LYS A 497 3.20 3.69 32.88
CA LYS A 497 2.94 3.13 34.20
C LYS A 497 1.54 2.54 34.28
N SER A 498 0.87 2.34 33.14
CA SER A 498 -0.50 1.86 33.10
C SER A 498 -0.60 0.34 32.97
N HIS A 499 0.50 -0.35 32.69
CA HIS A 499 0.45 -1.80 32.52
C HIS A 499 0.33 -2.49 33.88
N PRO A 500 -0.51 -3.51 33.98
CA PRO A 500 -0.74 -4.15 35.29
C PRO A 500 0.49 -4.81 35.89
N GLN A 501 1.49 -5.16 35.08
CA GLN A 501 2.77 -5.66 35.59
C GLN A 501 3.86 -4.59 35.53
N THR A 502 3.48 -3.32 35.66
CA THR A 502 4.45 -2.23 35.69
C THR A 502 5.56 -2.49 36.70
N LYS A 503 5.18 -2.90 37.91
CA LYS A 503 6.16 -3.17 38.96
C LYS A 503 7.23 -4.15 38.48
N GLU A 504 6.81 -5.30 37.96
CA GLU A 504 7.77 -6.31 37.52
C GLU A 504 8.57 -5.83 36.31
N ILE A 505 7.95 -5.06 35.42
CA ILE A 505 8.68 -4.56 34.25
C ILE A 505 9.78 -3.61 34.69
N TYR A 506 9.45 -2.63 35.52
CA TYR A 506 10.47 -1.67 35.97
C TYR A 506 11.52 -2.35 36.83
N ALA A 507 11.14 -3.36 37.62
CA ALA A 507 12.12 -4.09 38.42
C ALA A 507 13.09 -4.85 37.53
N GLU A 508 12.59 -5.40 36.42
CA GLU A 508 13.44 -6.13 35.49
C GLU A 508 14.40 -5.18 34.77
N LEU A 509 13.94 -3.99 34.43
CA LEU A 509 14.83 -2.99 33.84
C LEU A 509 15.94 -2.58 34.81
N GLU A 510 15.62 -2.51 36.10
CA GLU A 510 16.64 -2.20 37.09
C GLU A 510 17.73 -3.25 37.13
N ARG A 511 17.33 -4.53 37.22
CA ARG A 511 18.31 -5.61 37.22
C ARG A 511 19.13 -5.60 35.94
N LEU A 512 18.46 -5.41 34.81
CA LEU A 512 19.13 -5.50 33.51
C LEU A 512 20.13 -4.35 33.34
N SER A 513 19.73 -3.12 33.71
CA SER A 513 20.61 -1.96 33.65
C SER A 513 21.91 -2.17 34.42
N LYS A 514 21.88 -2.91 35.53
CA LYS A 514 23.11 -3.18 36.27
C LYS A 514 24.08 -4.02 35.45
N GLN A 515 23.56 -5.00 34.71
CA GLN A 515 24.41 -5.82 33.85
C GLN A 515 24.94 -5.02 32.67
N MET A 516 24.08 -4.24 32.02
CA MET A 516 24.55 -3.39 30.92
C MET A 516 25.67 -2.47 31.39
N LYS A 517 25.49 -1.81 32.53
CA LYS A 517 26.53 -0.91 33.03
C LYS A 517 27.85 -1.66 33.23
N GLU A 518 27.78 -2.86 33.81
CA GLU A 518 28.97 -3.68 33.98
C GLU A 518 29.55 -4.15 32.65
N ALA A 519 28.81 -4.05 31.55
CA ALA A 519 29.28 -4.45 30.24
C ALA A 519 29.85 -3.30 29.43
N GLY A 520 29.76 -2.07 29.93
CA GLY A 520 30.26 -0.91 29.24
C GLY A 520 29.20 0.07 28.78
N TYR A 521 27.92 -0.26 28.97
CA TYR A 521 26.87 0.64 28.51
C TYR A 521 26.88 1.91 29.34
N VAL A 522 26.84 3.06 28.66
CA VAL A 522 26.82 4.37 29.29
C VAL A 522 25.71 5.18 28.64
N PRO A 523 24.66 5.56 29.37
CA PRO A 523 23.54 6.26 28.74
C PRO A 523 23.99 7.55 28.05
N ASP A 524 23.47 7.76 26.84
CA ASP A 524 23.74 8.97 26.07
C ASP A 524 22.47 9.79 26.00
N THR A 525 22.44 10.89 26.76
CA THR A 525 21.27 11.74 26.87
C THR A 525 21.25 12.89 25.88
N LYS A 526 22.22 12.95 24.96
CA LYS A 526 22.38 14.15 24.12
C LYS A 526 21.12 14.46 23.34
N PHE A 527 20.34 13.44 22.98
CA PHE A 527 19.20 13.61 22.10
C PHE A 527 17.89 13.27 22.79
N VAL A 528 17.83 13.43 24.11
CA VAL A 528 16.57 13.40 24.84
C VAL A 528 15.92 14.77 24.64
N LEU A 529 14.96 14.84 23.73
CA LEU A 529 14.36 16.12 23.36
C LEU A 529 13.52 16.71 24.48
N HIS A 530 14.14 16.94 25.64
CA HIS A 530 13.45 17.56 26.76
C HIS A 530 14.42 18.52 27.45
N ASP A 531 13.98 19.76 27.63
CA ASP A 531 14.81 20.82 28.23
C ASP A 531 14.78 20.69 29.76
N VAL A 532 15.45 19.65 30.25
CA VAL A 532 15.44 19.33 31.67
C VAL A 532 16.86 19.01 32.14
N GLU A 533 16.98 18.83 33.45
CA GLU A 533 18.28 18.53 34.05
CA GLU A 533 18.27 18.52 34.07
C GLU A 533 18.78 17.17 33.59
N GLU A 534 20.11 17.02 33.61
CA GLU A 534 20.74 15.78 33.15
C GLU A 534 20.16 14.57 33.88
N GLU A 535 20.08 14.62 35.21
CA GLU A 535 19.54 13.49 35.97
C GLU A 535 18.14 13.13 35.51
N GLU A 536 17.34 14.13 35.15
CA GLU A 536 16.00 13.86 34.66
C GLU A 536 16.04 13.23 33.27
N LYS A 537 16.97 13.67 32.42
CA LYS A 537 17.13 13.09 31.10
C LYS A 537 17.46 11.60 31.19
N GLU A 538 18.36 11.22 32.09
CA GLU A 538 18.69 9.81 32.26
C GLU A 538 17.49 9.01 32.70
N GLN A 539 16.62 9.60 33.53
CA GLN A 539 15.44 8.87 33.98
C GLN A 539 14.44 8.67 32.84
N LEU A 540 14.26 9.70 31.99
CA LEU A 540 13.41 9.52 30.82
C LEU A 540 13.99 8.47 29.88
N LEU A 541 15.32 8.49 29.71
CA LEU A 541 15.98 7.56 28.80
C LEU A 541 15.76 6.12 29.25
N CYS A 542 15.76 5.88 30.57
CA CYS A 542 15.62 4.52 31.09
C CYS A 542 14.34 3.85 30.62
N TYR A 543 13.31 4.63 30.32
CA TYR A 543 11.97 4.10 30.18
C TYR A 543 11.36 4.41 28.81
N HIS A 544 12.22 4.49 27.79
CA HIS A 544 11.72 4.59 26.43
C HIS A 544 10.95 3.33 26.07
N SER A 545 9.94 3.50 25.21
CA SER A 545 8.90 2.50 25.04
C SER A 545 9.45 1.14 24.60
N GLU A 546 10.52 1.12 23.81
CA GLU A 546 11.02 -0.18 23.36
C GLU A 546 11.72 -0.94 24.48
N LYS A 547 12.28 -0.23 25.47
CA LYS A 547 12.90 -0.97 26.56
C LYS A 547 11.85 -1.49 27.53
N LEU A 548 10.73 -0.79 27.68
CA LEU A 548 9.62 -1.35 28.47
C LEU A 548 9.09 -2.62 27.81
N ALA A 549 8.94 -2.61 26.49
CA ALA A 549 8.43 -3.79 25.78
C ALA A 549 9.42 -4.94 25.87
N ILE A 550 10.71 -4.67 25.71
CA ILE A 550 11.72 -5.71 25.85
C ILE A 550 11.68 -6.31 27.25
N ALA A 551 11.54 -5.46 28.27
CA ALA A 551 11.53 -5.95 29.64
C ALA A 551 10.29 -6.79 29.91
N PHE A 552 9.13 -6.37 29.40
CA PHE A 552 7.93 -7.18 29.54
C PHE A 552 8.10 -8.53 28.85
N GLY A 553 8.69 -8.53 27.66
CA GLY A 553 8.96 -9.79 26.98
C GLY A 553 9.89 -10.70 27.77
N LEU A 554 10.87 -10.12 28.48
CA LEU A 554 11.86 -10.91 29.19
C LEU A 554 11.25 -11.63 30.39
N ILE A 555 10.31 -10.99 31.10
CA ILE A 555 9.68 -11.64 32.25
C ILE A 555 8.49 -12.51 31.88
N SER A 556 8.06 -12.49 30.62
CA SER A 556 6.83 -13.18 30.22
C SER A 556 7.05 -14.38 29.31
N THR A 557 8.29 -14.66 28.90
CA THR A 557 8.60 -15.74 27.98
C THR A 557 9.81 -16.48 28.49
N PRO A 558 9.97 -17.76 28.13
CA PRO A 558 11.08 -18.55 28.66
C PRO A 558 12.40 -18.08 28.09
N PRO A 559 13.49 -18.15 28.86
CA PRO A 559 14.80 -17.70 28.39
C PRO A 559 15.17 -18.30 27.04
N GLY A 560 15.86 -17.50 26.23
CA GLY A 560 16.28 -17.92 24.91
C GLY A 560 15.26 -17.68 23.82
N THR A 561 14.01 -17.44 24.16
CA THR A 561 12.96 -17.18 23.18
C THR A 561 13.22 -15.86 22.46
N PRO A 562 13.12 -15.81 21.14
CA PRO A 562 13.27 -14.52 20.44
C PRO A 562 12.17 -13.56 20.86
N LEU A 563 12.50 -12.28 20.92
CA LEU A 563 11.54 -11.22 21.18
C LEU A 563 11.34 -10.41 19.92
N ARG A 564 10.09 -10.04 19.64
CA ARG A 564 9.73 -9.32 18.42
C ARG A 564 8.95 -8.07 18.81
N ILE A 565 9.58 -6.91 18.60
CA ILE A 565 9.03 -5.63 19.00
C ILE A 565 8.72 -4.84 17.75
N ILE A 566 7.62 -4.08 17.78
CA ILE A 566 7.28 -3.15 16.71
C ILE A 566 7.26 -1.75 17.30
N LYS A 567 8.03 -0.85 16.71
CA LYS A 567 8.09 0.55 17.11
C LYS A 567 7.47 1.40 16.00
N ASN A 568 6.54 2.28 16.37
CA ASN A 568 5.85 3.08 15.36
C ASN A 568 6.78 4.11 14.72
N LEU A 569 7.58 4.78 15.54
CA LEU A 569 8.50 5.79 15.04
C LEU A 569 9.87 5.19 14.74
N ARG A 570 10.87 5.57 15.54
CA ARG A 570 12.25 5.21 15.26
C ARG A 570 12.94 4.85 16.56
N VAL A 571 13.85 3.88 16.48
CA VAL A 571 14.67 3.49 17.62
C VAL A 571 15.79 4.52 17.78
N CYS A 572 15.77 5.26 18.88
CA CYS A 572 16.81 6.26 19.09
C CYS A 572 18.18 5.57 19.21
N GLY A 573 19.24 6.35 19.03
CA GLY A 573 20.58 5.77 18.99
C GLY A 573 20.95 5.07 20.29
N ASP A 574 20.52 5.61 21.42
CA ASP A 574 20.86 4.99 22.69
C ASP A 574 20.13 3.66 22.90
N CYS A 575 18.84 3.61 22.55
CA CYS A 575 18.11 2.35 22.64
C CYS A 575 18.67 1.31 21.68
N HIS A 576 19.20 1.75 20.53
CA HIS A 576 19.84 0.84 19.61
C HIS A 576 21.09 0.23 20.24
N THR A 577 21.93 1.09 20.81
CA THR A 577 23.10 0.62 21.57
C THR A 577 22.68 -0.24 22.75
N ALA A 578 21.70 0.23 23.52
CA ALA A 578 21.24 -0.52 24.69
C ALA A 578 20.77 -1.92 24.30
N THR A 579 20.01 -2.02 23.20
CA THR A 579 19.49 -3.33 22.79
C THR A 579 20.60 -4.24 22.28
N LYS A 580 21.64 -3.68 21.68
CA LYS A 580 22.82 -4.48 21.35
C LYS A 580 23.39 -5.15 22.59
N PHE A 581 23.59 -4.38 23.66
CA PHE A 581 24.09 -4.95 24.92
C PHE A 581 23.13 -6.00 25.47
N ILE A 582 21.83 -5.69 25.49
CA ILE A 582 20.85 -6.59 26.09
C ILE A 582 20.83 -7.94 25.39
N SER A 583 20.90 -7.93 24.06
CA SER A 583 20.82 -9.18 23.30
C SER A 583 21.90 -10.16 23.73
N LYS A 584 23.11 -9.67 23.98
CA LYS A 584 24.18 -10.55 24.45
C LYS A 584 23.94 -10.98 25.90
N ILE A 585 23.49 -10.06 26.75
CA ILE A 585 23.34 -10.37 28.17
C ILE A 585 22.29 -11.44 28.40
N VAL A 586 21.14 -11.33 27.72
CA VAL A 586 20.06 -12.28 27.93
C VAL A 586 20.11 -13.46 26.97
N GLY A 587 21.08 -13.51 26.07
CA GLY A 587 21.19 -14.63 25.15
C GLY A 587 19.97 -14.87 24.30
N ARG A 588 19.34 -13.81 23.81
CA ARG A 588 18.19 -13.92 22.92
C ARG A 588 18.45 -13.12 21.66
N GLU A 589 17.75 -13.50 20.60
CA GLU A 589 17.58 -12.64 19.45
C GLU A 589 16.45 -11.66 19.73
N ILE A 590 16.72 -10.37 19.50
CA ILE A 590 15.73 -9.32 19.70
C ILE A 590 15.51 -8.65 18.36
N VAL A 591 14.27 -8.64 17.90
CA VAL A 591 13.90 -8.12 16.59
C VAL A 591 13.05 -6.88 16.81
N VAL A 592 13.54 -5.73 16.35
CA VAL A 592 12.79 -4.49 16.45
C VAL A 592 12.50 -4.00 15.04
N ARG A 593 11.20 -3.83 14.74
CA ARG A 593 10.75 -3.24 13.48
C ARG A 593 10.38 -1.79 13.75
N ASP A 594 11.20 -0.86 13.26
CA ASP A 594 10.82 0.53 13.33
C ASP A 594 10.29 0.97 11.98
N ALA A 595 10.06 2.28 11.81
CA ALA A 595 9.40 2.77 10.60
C ALA A 595 10.13 2.35 9.33
N ASN A 596 11.45 2.23 9.38
CA ASN A 596 12.25 2.06 8.18
C ASN A 596 12.89 0.69 8.03
N ARG A 597 13.46 0.13 9.10
CA ARG A 597 14.26 -1.08 8.99
CA ARG A 597 14.24 -1.09 8.98
C ARG A 597 13.78 -2.15 9.98
N PHE A 598 14.24 -3.37 9.73
CA PHE A 598 14.15 -4.46 10.67
C PHE A 598 15.51 -4.58 11.34
N HIS A 599 15.58 -4.35 12.65
CA HIS A 599 16.79 -4.55 13.41
C HIS A 599 16.77 -5.94 14.02
N HIS A 600 17.72 -6.78 13.65
CA HIS A 600 17.92 -8.09 14.26
C HIS A 600 19.14 -7.98 15.16
N PHE A 601 18.91 -7.90 16.47
CA PHE A 601 19.98 -7.79 17.44
C PHE A 601 20.39 -9.19 17.88
N LYS A 602 21.65 -9.54 17.60
CA LYS A 602 22.16 -10.88 17.91
C LYS A 602 23.57 -10.75 18.45
N ASP A 603 23.77 -11.16 19.70
CA ASP A 603 25.10 -11.25 20.31
C ASP A 603 25.87 -9.94 20.21
N GLY A 604 25.22 -8.85 20.64
CA GLY A 604 25.83 -7.55 20.66
C GLY A 604 25.89 -6.84 19.31
N VAL A 605 25.35 -7.45 18.26
CA VAL A 605 25.46 -6.93 16.91
C VAL A 605 24.07 -6.82 16.31
N CYS A 606 23.80 -5.73 15.60
CA CYS A 606 22.54 -5.55 14.90
C CYS A 606 22.73 -5.74 13.40
N SER A 607 21.73 -6.36 12.76
CA SER A 607 21.80 -6.67 11.35
C SER A 607 21.85 -5.41 10.48
N CYS A 608 21.39 -4.26 10.99
CA CYS A 608 21.39 -3.03 10.20
C CYS A 608 22.77 -2.40 10.08
N GLY A 609 23.76 -2.92 10.80
CA GLY A 609 25.10 -2.36 10.71
C GLY A 609 25.23 -0.95 11.25
N ASP A 610 24.34 -0.57 12.16
CA ASP A 610 24.33 0.77 12.77
C ASP A 610 24.12 1.87 11.74
N TYR A 611 23.25 1.61 10.76
CA TYR A 611 22.80 2.63 9.83
C TYR A 611 21.30 2.48 9.66
N TRP A 612 20.55 3.47 10.12
CA TRP A 612 19.10 3.44 10.06
C TRP A 612 18.52 4.82 10.30
C1 GOL B . 19.17 9.47 19.91
O1 GOL B . 19.70 9.31 18.63
C2 GOL B . 20.17 8.86 20.97
O2 GOL B . 20.22 9.63 22.13
C3 GOL B . 21.55 8.75 20.24
O3 GOL B . 22.47 8.23 21.16
C1 GOL C . 9.53 8.52 22.17
O1 GOL C . 8.61 9.58 22.32
C2 GOL C . 10.92 9.17 22.03
O2 GOL C . 10.87 10.30 21.23
C3 GOL C . 11.84 8.07 21.42
O3 GOL C . 11.62 6.88 22.11
ZN ZN D . 15.24 5.41 22.92
ZN ZN E . 19.87 -1.86 13.87
#